data_4PL6
#
_entry.id   4PL6
#
_cell.length_a   54.231
_cell.length_b   54.231
_cell.length_c   127.922
_cell.angle_alpha   90.00
_cell.angle_beta   90.00
_cell.angle_gamma   120.00
#
_symmetry.space_group_name_H-M   'P 65'
#
loop_
_entity.id
_entity.type
_entity.pdbx_description
1 polymer At1g02740
2 polymer H3K4me3
3 water water
#
loop_
_entity_poly.entity_id
_entity_poly.type
_entity_poly.pdbx_seq_one_letter_code
_entity_poly.pdbx_strand_id
1 'polypeptide(L)' GSHFEEGERVLAKHSDCFYEAKVLKVEFKDNEWKYFVHYIGWNKSWDEWIRLDCLLKHSDENIEKQKEQGLKQQG A,B
2 'polypeptide(L)' ART(M3L)QTARKST C,D
#
# COMPACT_ATOMS: atom_id res chain seq x y z
N HIS A 3 -16.48 0.00 -0.38
CA HIS A 3 -16.83 1.38 -0.12
C HIS A 3 -16.19 1.88 1.17
N PHE A 4 -16.04 3.20 1.27
CA PHE A 4 -15.33 3.82 2.37
C PHE A 4 -16.15 4.99 2.89
N GLU A 5 -15.92 5.36 4.15
CA GLU A 5 -16.66 6.45 4.77
C GLU A 5 -15.83 7.70 4.95
N GLU A 6 -16.51 8.84 4.98
CA GLU A 6 -15.92 10.10 5.42
C GLU A 6 -15.18 9.89 6.75
N GLY A 7 -13.94 10.34 6.83
CA GLY A 7 -13.15 10.22 8.04
C GLY A 7 -12.36 8.93 8.22
N GLU A 8 -12.52 8.00 7.27
CA GLU A 8 -11.88 6.69 7.37
C GLU A 8 -10.41 6.74 6.95
N ARG A 9 -9.58 6.03 7.71
CA ARG A 9 -8.17 5.86 7.36
C ARG A 9 -8.03 4.74 6.34
N VAL A 10 -7.29 5.03 5.28
CA VAL A 10 -7.17 4.15 4.14
C VAL A 10 -5.75 4.22 3.61
N LEU A 11 -5.43 3.29 2.71
CA LEU A 11 -4.24 3.41 1.89
C LEU A 11 -4.67 3.92 0.51
N ALA A 12 -3.97 4.94 0.02
CA ALA A 12 -4.32 5.56 -1.26
C ALA A 12 -3.15 5.50 -2.20
N LYS A 13 -3.38 4.98 -3.40
CA LYS A 13 -2.30 4.84 -4.35
C LYS A 13 -2.03 6.13 -5.08
N HIS A 14 -0.79 6.56 -5.05
CA HIS A 14 -0.35 7.69 -5.86
C HIS A 14 0.89 7.27 -6.59
N SER A 15 0.88 7.43 -7.92
CA SER A 15 1.94 6.92 -8.76
C SER A 15 2.08 5.42 -8.51
N ASP A 16 3.26 5.03 -8.02
CA ASP A 16 3.57 3.61 -7.94
C ASP A 16 3.31 2.95 -6.59
N CYS A 17 2.87 3.70 -5.59
CA CYS A 17 2.70 3.09 -4.28
C CYS A 17 1.58 3.68 -3.43
N PHE A 18 1.32 3.01 -2.31
CA PHE A 18 0.20 3.36 -1.44
C PHE A 18 0.65 4.17 -0.25
N TYR A 19 -0.10 5.25 0.02
CA TYR A 19 0.21 6.14 1.11
C TYR A 19 -0.86 6.10 2.18
N GLU A 20 -0.47 6.31 3.43
CA GLU A 20 -1.47 6.46 4.48
C GLU A 20 -2.27 7.72 4.20
N ALA A 21 -3.59 7.60 4.26
CA ALA A 21 -4.49 8.69 3.86
C ALA A 21 -5.77 8.65 4.69
N LYS A 22 -6.54 9.72 4.56
CA LYS A 22 -7.85 9.85 5.20
C LYS A 22 -8.88 10.34 4.19
N VAL A 23 -10.03 9.70 4.18
CA VAL A 23 -11.09 10.10 3.26
C VAL A 23 -11.79 11.33 3.83
N LEU A 24 -11.82 12.40 3.04
CA LEU A 24 -12.45 13.66 3.46
C LEU A 24 -13.87 13.77 2.95
N LYS A 25 -14.09 13.31 1.71
CA LYS A 25 -15.39 13.45 1.07
C LYS A 25 -15.67 12.26 0.17
N VAL A 26 -16.93 11.85 0.10
CA VAL A 26 -17.33 10.77 -0.80
C VAL A 26 -18.32 11.32 -1.80
N GLU A 27 -18.15 11.00 -3.07
CA GLU A 27 -19.15 11.41 -4.06
C GLU A 27 -19.45 10.29 -5.05
N PHE A 28 -20.66 10.31 -5.61
CA PHE A 28 -21.02 9.35 -6.66
C PHE A 28 -21.51 10.16 -7.84
N LYS A 29 -20.90 9.94 -9.00
CA LYS A 29 -21.31 10.66 -10.19
C LYS A 29 -20.95 9.81 -11.42
N ASP A 30 -21.80 9.85 -12.44
CA ASP A 30 -21.57 9.08 -13.65
C ASP A 30 -21.29 7.62 -13.36
N ASN A 31 -22.11 7.06 -12.48
CA ASN A 31 -22.08 5.65 -12.10
C ASN A 31 -20.76 5.20 -11.48
N GLU A 32 -20.01 6.14 -10.91
CA GLU A 32 -18.77 5.80 -10.21
C GLU A 32 -18.56 6.58 -8.91
N TRP A 33 -17.99 5.89 -7.93
CA TRP A 33 -17.61 6.52 -6.67
C TRP A 33 -16.26 7.20 -6.78
N LYS A 34 -16.12 8.37 -6.16
CA LYS A 34 -14.85 9.07 -6.07
C LYS A 34 -14.65 9.51 -4.64
N TYR A 35 -13.39 9.64 -4.25
CA TYR A 35 -13.05 9.88 -2.86
C TYR A 35 -12.02 10.98 -2.79
N PHE A 36 -12.32 12.03 -2.03
CA PHE A 36 -11.37 13.12 -1.88
C PHE A 36 -10.53 12.77 -0.67
N VAL A 37 -9.24 12.59 -0.86
CA VAL A 37 -8.39 12.09 0.22
C VAL A 37 -7.32 13.08 0.59
N HIS A 38 -6.90 13.00 1.85
CA HIS A 38 -5.75 13.73 2.35
C HIS A 38 -4.66 12.76 2.72
N TYR A 39 -3.44 13.05 2.29
CA TYR A 39 -2.30 12.17 2.56
C TYR A 39 -1.69 12.59 3.88
N ILE A 40 -1.66 11.65 4.82
CA ILE A 40 -1.20 11.94 6.18
C ILE A 40 0.27 12.36 6.17
N GLY A 41 0.54 13.51 6.78
CA GLY A 41 1.89 14.04 6.85
C GLY A 41 2.33 14.77 5.59
N TRP A 42 1.37 15.09 4.72
CA TRP A 42 1.66 15.87 3.52
C TRP A 42 0.86 17.16 3.45
N ASN A 43 1.37 18.12 2.67
CA ASN A 43 0.68 19.37 2.37
CA ASN A 43 0.66 19.38 2.45
C ASN A 43 -0.76 19.16 1.97
N LYS A 44 -1.66 20.04 2.40
CA LYS A 44 -3.05 20.04 1.95
C LYS A 44 -3.12 20.15 0.44
N SER A 45 -2.09 20.72 -0.17
CA SER A 45 -2.08 20.93 -1.62
C SER A 45 -2.09 19.61 -2.40
N TRP A 46 -1.72 18.52 -1.75
CA TRP A 46 -1.75 17.22 -2.42
C TRP A 46 -3.10 16.50 -2.31
N ASP A 47 -4.03 17.07 -1.56
CA ASP A 47 -5.36 16.47 -1.43
C ASP A 47 -5.95 16.28 -2.83
N GLU A 48 -6.60 15.15 -3.09
CA GLU A 48 -7.08 14.88 -4.44
C GLU A 48 -8.20 13.85 -4.50
N TRP A 49 -8.92 13.86 -5.62
CA TRP A 49 -9.96 12.89 -5.89
C TRP A 49 -9.35 11.63 -6.47
N ILE A 50 -9.68 10.49 -5.88
CA ILE A 50 -9.23 9.23 -6.46
C ILE A 50 -10.37 8.24 -6.53
N ARG A 51 -10.16 7.23 -7.38
CA ARG A 51 -11.19 6.26 -7.64
C ARG A 51 -11.04 5.03 -6.76
N LEU A 52 -12.06 4.18 -6.77
CA LEU A 52 -12.07 2.97 -5.96
C LEU A 52 -10.88 2.07 -6.20
N ASP A 53 -10.40 1.97 -7.44
CA ASP A 53 -9.37 0.98 -7.70
C ASP A 53 -7.99 1.48 -7.27
N CYS A 54 -7.91 2.68 -6.72
CA CYS A 54 -6.67 3.16 -6.13
C CYS A 54 -6.75 3.25 -4.59
N LEU A 55 -7.77 2.65 -4.01
CA LEU A 55 -7.90 2.61 -2.54
C LEU A 55 -7.71 1.20 -2.00
N LEU A 56 -7.15 1.11 -0.80
CA LEU A 56 -7.01 -0.17 -0.12
C LEU A 56 -7.42 -0.01 1.34
N LYS A 57 -8.21 -0.95 1.84
CA LYS A 57 -8.51 -1.00 3.26
C LYS A 57 -7.23 -1.39 3.99
N HIS A 58 -7.06 -0.90 5.21
CA HIS A 58 -5.95 -1.35 6.05
C HIS A 58 -6.13 -2.80 6.47
N SER A 59 -5.13 -3.33 7.15
CA SER A 59 -5.14 -4.66 7.72
C SER A 59 -5.29 -5.74 6.65
N HIS B 3 5.08 -15.89 9.56
CA HIS B 3 4.21 -14.72 9.56
C HIS B 3 3.66 -14.45 8.18
N PHE B 4 4.52 -14.67 7.18
CA PHE B 4 4.12 -14.58 5.78
C PHE B 4 4.55 -15.83 5.04
N GLU B 5 3.85 -16.16 3.94
CA GLU B 5 4.12 -17.40 3.20
C GLU B 5 4.63 -17.16 1.79
N GLU B 6 5.40 -18.10 1.27
CA GLU B 6 5.82 -18.02 -0.12
C GLU B 6 4.59 -17.99 -1.03
N GLY B 7 4.56 -17.05 -1.97
CA GLY B 7 3.44 -16.86 -2.87
C GLY B 7 2.41 -15.84 -2.42
N GLU B 8 2.55 -15.36 -1.18
CA GLU B 8 1.57 -14.42 -0.61
C GLU B 8 1.77 -13.01 -1.17
N ARG B 9 0.65 -12.36 -1.50
CA ARG B 9 0.67 -10.94 -1.86
C ARG B 9 0.73 -10.11 -0.59
N VAL B 10 1.69 -9.18 -0.53
CA VAL B 10 1.92 -8.38 0.66
C VAL B 10 2.13 -6.93 0.31
N LEU B 11 2.27 -6.10 1.34
CA LEU B 11 2.69 -4.71 1.17
C LEU B 11 4.09 -4.57 1.73
N ALA B 12 4.98 -4.00 0.93
CA ALA B 12 6.35 -3.73 1.37
C ALA B 12 6.59 -2.26 1.56
N LYS B 13 6.97 -1.87 2.77
CA LYS B 13 7.15 -0.45 3.05
C LYS B 13 8.50 0.01 2.55
N HIS B 14 8.49 1.02 1.69
CA HIS B 14 9.70 1.55 1.07
C HIS B 14 9.47 3.02 0.77
N SER B 15 10.47 3.85 1.05
CA SER B 15 10.34 5.31 1.03
C SER B 15 9.34 5.71 2.12
N ASP B 16 8.31 6.44 1.71
CA ASP B 16 7.26 6.86 2.63
C ASP B 16 5.95 6.17 2.27
N CYS B 17 6.05 5.00 1.65
CA CYS B 17 4.87 4.39 1.08
C CYS B 17 4.99 2.88 0.95
N PHE B 18 3.89 2.25 0.53
CA PHE B 18 3.80 0.81 0.53
C PHE B 18 3.64 0.26 -0.89
N TYR B 19 4.54 -0.63 -1.29
CA TYR B 19 4.47 -1.23 -2.60
C TYR B 19 3.83 -2.60 -2.55
N GLU B 20 2.99 -2.91 -3.53
CA GLU B 20 2.44 -4.25 -3.62
C GLU B 20 3.57 -5.18 -4.03
N ALA B 21 3.64 -6.33 -3.38
CA ALA B 21 4.74 -7.26 -3.61
C ALA B 21 4.28 -8.69 -3.40
N LYS B 22 5.08 -9.65 -3.88
CA LYS B 22 4.79 -11.06 -3.67
C LYS B 22 5.98 -11.69 -3.00
N VAL B 23 5.73 -12.49 -1.98
CA VAL B 23 6.82 -13.18 -1.29
C VAL B 23 7.31 -14.34 -2.15
N LEU B 24 8.59 -14.33 -2.49
CA LEU B 24 9.20 -15.41 -3.28
C LEU B 24 9.82 -16.47 -2.38
N LYS B 25 10.57 -16.02 -1.36
CA LYS B 25 11.24 -16.94 -0.46
C LYS B 25 11.12 -16.49 0.99
N VAL B 26 11.05 -17.45 1.90
CA VAL B 26 11.03 -17.16 3.33
C VAL B 26 12.25 -17.81 3.97
N GLU B 27 12.98 -17.07 4.79
CA GLU B 27 14.12 -17.66 5.50
C GLU B 27 14.19 -17.19 6.93
N PHE B 28 14.70 -18.07 7.80
CA PHE B 28 15.02 -17.71 9.18
C PHE B 28 16.51 -18.01 9.37
N LYS B 29 17.27 -16.98 9.72
CA LYS B 29 18.72 -17.09 9.79
C LYS B 29 19.21 -16.07 10.80
N ASP B 30 20.20 -16.46 11.61
CA ASP B 30 20.77 -15.57 12.62
C ASP B 30 19.68 -14.98 13.51
N ASN B 31 18.72 -15.83 13.87
CA ASN B 31 17.60 -15.48 14.73
C ASN B 31 16.71 -14.36 14.18
N GLU B 32 16.67 -14.23 12.86
CA GLU B 32 15.83 -13.21 12.23
C GLU B 32 15.12 -13.79 11.01
N TRP B 33 13.86 -13.44 10.82
CA TRP B 33 13.13 -13.76 9.59
C TRP B 33 13.49 -12.75 8.49
N LYS B 34 13.57 -13.23 7.25
CA LYS B 34 13.71 -12.32 6.11
C LYS B 34 12.95 -12.90 4.94
N TYR B 35 12.57 -12.02 4.01
CA TYR B 35 11.64 -12.36 2.95
C TYR B 35 12.17 -11.83 1.66
N PHE B 36 12.29 -12.70 0.67
CA PHE B 36 12.73 -12.27 -0.64
C PHE B 36 11.48 -11.95 -1.44
N VAL B 37 11.33 -10.68 -1.81
CA VAL B 37 10.07 -10.24 -2.41
C VAL B 37 10.27 -9.74 -3.83
N HIS B 38 9.23 -9.94 -4.63
CA HIS B 38 9.12 -9.34 -5.97
C HIS B 38 8.13 -8.17 -5.92
N TYR B 39 8.52 -7.01 -6.44
CA TYR B 39 7.60 -5.86 -6.49
C TYR B 39 6.73 -5.95 -7.73
N ILE B 40 5.41 -6.00 -7.53
CA ILE B 40 4.49 -6.18 -8.62
C ILE B 40 4.57 -4.99 -9.58
N GLY B 41 4.71 -5.28 -10.87
CA GLY B 41 4.84 -4.22 -11.86
C GLY B 41 6.25 -3.73 -12.05
N TRP B 42 7.22 -4.38 -11.39
CA TRP B 42 8.63 -4.03 -11.55
C TRP B 42 9.37 -5.26 -12.09
N ASN B 43 10.51 -5.06 -12.77
CA ASN B 43 11.23 -6.23 -13.27
C ASN B 43 12.01 -6.88 -12.12
N LYS B 44 12.56 -8.05 -12.37
CA LYS B 44 13.16 -8.81 -11.28
C LYS B 44 14.48 -8.30 -10.75
N SER B 45 15.07 -7.30 -11.39
CA SER B 45 16.29 -6.72 -10.86
C SER B 45 16.03 -6.02 -9.53
N TRP B 46 14.76 -5.75 -9.24
CA TRP B 46 14.37 -5.03 -8.04
C TRP B 46 14.00 -6.00 -6.90
N ASP B 47 13.97 -7.29 -7.19
CA ASP B 47 13.68 -8.29 -6.16
C ASP B 47 14.70 -8.15 -5.05
N GLU B 48 14.29 -8.26 -3.79
CA GLU B 48 15.26 -8.05 -2.69
C GLU B 48 14.78 -8.64 -1.38
N TRP B 49 15.73 -8.80 -0.44
CA TRP B 49 15.41 -9.29 0.90
C TRP B 49 14.93 -8.15 1.79
N ILE B 50 13.82 -8.38 2.49
CA ILE B 50 13.35 -7.38 3.43
C ILE B 50 12.96 -8.03 4.74
N ARG B 51 12.89 -7.22 5.79
CA ARG B 51 12.61 -7.74 7.13
C ARG B 51 11.17 -7.51 7.60
N LEU B 52 10.83 -8.08 8.76
CA LEU B 52 9.48 -7.95 9.31
C LEU B 52 9.09 -6.50 9.65
N ASP B 53 10.08 -5.62 9.79
CA ASP B 53 9.78 -4.21 10.07
C ASP B 53 9.18 -3.51 8.85
N CYS B 54 9.27 -4.15 7.69
CA CYS B 54 8.83 -3.48 6.46
C CYS B 54 7.73 -4.23 5.71
N LEU B 55 7.17 -5.26 6.32
CA LEU B 55 6.11 -6.03 5.68
C LEU B 55 4.77 -5.89 6.37
N LEU B 56 3.73 -5.72 5.57
CA LEU B 56 2.37 -5.73 6.06
C LEU B 56 1.51 -6.69 5.25
N LYS B 57 0.50 -7.24 5.91
CA LYS B 57 -0.51 -7.99 5.20
C LYS B 57 -1.25 -7.09 4.21
N HIS B 58 -1.64 -7.70 3.09
CA HIS B 58 -2.38 -7.04 2.03
C HIS B 58 -3.86 -7.43 2.18
N SER B 59 -4.74 -6.45 2.30
CA SER B 59 -6.14 -6.74 2.61
C SER B 59 -6.85 -7.51 1.48
#